data_6EMV
#
_entry.id   6EMV
#
_cell.length_a   71.082
_cell.length_b   71.082
_cell.length_c   192.233
_cell.angle_alpha   90.000
_cell.angle_beta   90.000
_cell.angle_gamma   120.000
#
_symmetry.space_group_name_H-M   'P 61'
#
loop_
_entity.id
_entity.type
_entity.pdbx_description
1 polymer 'tRNA (guanine(9)-/adenine(9)-N1)-methyltransferase'
2 non-polymer S-ADENOSYL-L-HOMOCYSTEINE
3 water water
#
_entity_poly.entity_id   1
_entity_poly.type   'polypeptide(L)'
_entity_poly.pdbx_seq_one_letter_code
;MGSSHHHHHHSSGLVPRGSHMDWPYFIIDLYHWDKHTQKEKGKIALQVNQSYGLLRDYFTGSELAVTWANEEFREMFHGP
LDRITTYGGPTSEFLKENGINEVVLLDPWAEEVLSEKDFDVKAFIIGGIVDTGGNKKKTTPKIGEELESAGIKVRRRKIV
LRGDVVGVPDRINRILGIILKMMVEGKSMDEAVYEMQ
;
_entity_poly.pdbx_strand_id   A,B,C
#
# COMPACT_ATOMS: atom_id res chain seq x y z
N TRP A 23 20.42 15.81 -23.52
CA TRP A 23 21.62 16.58 -23.22
C TRP A 23 21.93 16.65 -21.71
N PRO A 24 20.95 16.91 -20.85
CA PRO A 24 21.18 16.83 -19.41
C PRO A 24 20.90 15.42 -18.87
N TYR A 25 21.23 15.24 -17.59
CA TYR A 25 21.10 13.97 -16.91
C TYR A 25 19.85 13.97 -16.03
N PHE A 26 18.94 13.03 -16.28
CA PHE A 26 17.78 12.82 -15.43
C PHE A 26 18.07 11.61 -14.55
N ILE A 27 18.45 11.87 -13.31
CA ILE A 27 18.90 10.83 -12.38
C ILE A 27 17.75 10.44 -11.46
N ILE A 28 17.54 9.14 -11.30
CA ILE A 28 16.62 8.61 -10.32
C ILE A 28 17.43 8.05 -9.16
N ASP A 29 17.27 8.66 -7.98
CA ASP A 29 18.04 8.28 -6.80
C ASP A 29 17.30 7.17 -6.06
N LEU A 30 17.76 5.93 -6.20
CA LEU A 30 17.18 4.79 -5.50
C LEU A 30 17.60 4.72 -4.03
N TYR A 31 17.76 5.86 -3.37
CA TYR A 31 17.95 5.88 -1.93
C TYR A 31 16.73 5.24 -1.25
N HIS A 32 16.96 4.71 -0.05
CA HIS A 32 15.91 4.05 0.75
C HIS A 32 15.34 2.82 0.05
N TRP A 33 16.14 2.17 -0.80
CA TRP A 33 15.62 1.04 -1.58
C TRP A 33 15.31 -0.15 -0.69
N ASP A 34 16.31 -0.65 0.04
CA ASP A 34 16.09 -1.80 0.91
CA ASP A 34 16.09 -1.80 0.91
C ASP A 34 15.17 -1.50 2.09
N LYS A 35 14.76 -0.24 2.26
CA LYS A 35 13.82 0.14 3.31
C LYS A 35 12.38 0.18 2.82
N HIS A 36 12.11 -0.36 1.64
CA HIS A 36 10.77 -0.43 1.08
C HIS A 36 10.28 -1.88 1.01
N THR A 37 8.96 -2.03 0.96
CA THR A 37 8.39 -3.36 0.84
C THR A 37 8.53 -3.86 -0.60
N GLN A 38 8.35 -5.18 -0.76
CA GLN A 38 8.45 -5.78 -2.09
C GLN A 38 7.45 -5.16 -3.06
N LYS A 39 6.24 -4.89 -2.59
CA LYS A 39 5.27 -4.21 -3.44
C LYS A 39 5.74 -2.81 -3.81
N GLU A 40 6.28 -2.07 -2.84
CA GLU A 40 6.76 -0.73 -3.12
C GLU A 40 7.99 -0.75 -4.02
N LYS A 41 8.85 -1.76 -3.87
CA LYS A 41 9.99 -1.89 -4.77
C LYS A 41 9.53 -2.07 -6.20
N GLY A 42 8.48 -2.86 -6.42
CA GLY A 42 7.98 -3.06 -7.76
C GLY A 42 7.42 -1.79 -8.38
N LYS A 43 6.74 -0.98 -7.57
CA LYS A 43 6.18 0.27 -8.06
C LYS A 43 7.28 1.24 -8.46
N ILE A 44 8.38 1.26 -7.72
CA ILE A 44 9.51 2.11 -8.08
C ILE A 44 10.10 1.65 -9.41
N ALA A 45 10.31 0.33 -9.57
CA ALA A 45 10.83 -0.19 -10.83
C ALA A 45 9.86 0.07 -11.97
N LEU A 46 8.56 0.02 -11.71
CA LEU A 46 7.57 0.33 -12.74
C LEU A 46 7.64 1.79 -13.14
N GLN A 47 7.75 2.70 -12.16
CA GLN A 47 7.80 4.12 -12.47
C GLN A 47 9.10 4.49 -13.18
N VAL A 48 10.20 3.82 -12.85
CA VAL A 48 11.44 4.05 -13.59
C VAL A 48 11.32 3.54 -15.02
N ASN A 49 10.61 2.42 -15.21
CA ASN A 49 10.37 1.94 -16.56
C ASN A 49 9.51 2.93 -17.34
N GLN A 50 8.44 3.44 -16.72
CA GLN A 50 7.62 4.44 -17.37
C GLN A 50 8.38 5.75 -17.59
N SER A 51 9.33 6.07 -16.70
CA SER A 51 10.16 7.24 -16.90
C SER A 51 11.07 7.10 -18.10
N TYR A 52 11.55 5.89 -18.38
CA TYR A 52 12.37 5.67 -19.57
C TYR A 52 11.56 5.81 -20.84
N GLY A 53 10.40 5.13 -20.89
CA GLY A 53 9.56 5.23 -22.08
C GLY A 53 9.10 6.65 -22.36
N LEU A 54 8.89 7.44 -21.31
CA LEU A 54 8.54 8.85 -21.50
C LEU A 54 9.72 9.64 -22.05
N LEU A 55 10.90 9.47 -21.44
CA LEU A 55 12.11 10.07 -21.97
C LEU A 55 12.46 9.55 -23.36
N ARG A 56 11.94 8.38 -23.72
CA ARG A 56 12.18 7.83 -25.05
C ARG A 56 11.50 8.66 -26.13
N ASP A 57 10.43 9.39 -25.78
CA ASP A 57 9.67 10.19 -26.73
C ASP A 57 10.02 11.67 -26.65
N TYR A 58 11.22 12.01 -26.21
CA TYR A 58 11.63 13.40 -26.08
C TYR A 58 13.06 13.60 -26.57
N PHE A 59 13.97 13.89 -25.64
CA PHE A 59 15.37 14.11 -25.97
C PHE A 59 16.09 12.79 -26.21
N GLU A 63 19.92 8.78 -21.30
CA GLU A 63 19.88 10.04 -20.57
C GLU A 63 19.28 9.86 -19.18
N LEU A 64 18.68 8.69 -18.95
CA LEU A 64 18.09 8.37 -17.65
C LEU A 64 19.13 7.63 -16.81
N ALA A 65 19.41 8.17 -15.63
CA ALA A 65 20.38 7.58 -14.71
C ALA A 65 19.67 7.08 -13.45
N VAL A 66 20.11 5.94 -12.95
CA VAL A 66 19.57 5.33 -11.75
C VAL A 66 20.74 5.03 -10.82
N THR A 67 20.94 5.85 -9.81
CA THR A 67 21.97 5.62 -8.82
C THR A 67 21.44 4.75 -7.69
N TRP A 68 22.36 4.16 -6.92
CA TRP A 68 22.03 3.13 -5.93
C TRP A 68 21.28 1.98 -6.57
N ALA A 69 21.66 1.63 -7.81
CA ALA A 69 20.97 0.60 -8.58
C ALA A 69 21.62 -0.74 -8.30
N ASN A 70 21.05 -1.45 -7.32
CA ASN A 70 21.58 -2.74 -6.88
C ASN A 70 21.08 -3.87 -7.78
N GLU A 71 21.43 -5.10 -7.41
CA GLU A 71 21.05 -6.26 -8.20
C GLU A 71 19.55 -6.50 -8.17
N GLU A 72 18.90 -6.22 -7.04
CA GLU A 72 17.47 -6.47 -6.93
C GLU A 72 16.66 -5.56 -7.84
N PHE A 73 17.07 -4.29 -7.95
CA PHE A 73 16.37 -3.37 -8.85
C PHE A 73 16.44 -3.85 -10.29
N ARG A 74 17.63 -4.24 -10.75
CA ARG A 74 17.78 -4.78 -12.10
C ARG A 74 16.96 -6.04 -12.28
N GLU A 75 16.83 -6.85 -11.22
CA GLU A 75 16.01 -8.05 -11.30
C GLU A 75 14.52 -7.71 -11.42
N MET A 76 14.09 -6.63 -10.77
CA MET A 76 12.70 -6.20 -10.83
C MET A 76 12.41 -5.27 -12.00
N PHE A 77 13.41 -4.59 -12.53
CA PHE A 77 13.22 -3.69 -13.65
C PHE A 77 12.91 -4.49 -14.90
N HIS A 78 11.64 -4.47 -15.33
CA HIS A 78 11.19 -5.21 -16.50
C HIS A 78 11.39 -4.43 -17.80
N GLY A 79 12.39 -3.55 -17.84
CA GLY A 79 12.73 -2.83 -19.04
C GLY A 79 14.15 -3.13 -19.47
N PRO A 80 14.60 -2.51 -20.55
CA PRO A 80 15.94 -2.79 -21.07
C PRO A 80 17.01 -2.11 -20.23
N LEU A 81 17.74 -2.91 -19.44
CA LEU A 81 18.91 -2.39 -18.73
C LEU A 81 19.95 -1.85 -19.69
N ASP A 82 19.94 -2.32 -20.94
CA ASP A 82 20.89 -1.87 -21.94
C ASP A 82 20.64 -0.42 -22.34
N ARG A 83 19.42 0.08 -22.16
CA ARG A 83 19.04 1.38 -22.69
C ARG A 83 19.19 2.52 -21.68
N ILE A 84 19.42 2.21 -20.40
CA ILE A 84 19.58 3.24 -19.39
C ILE A 84 20.97 3.12 -18.76
N THR A 85 21.29 4.09 -17.90
CA THR A 85 22.56 4.11 -17.19
C THR A 85 22.28 3.83 -15.71
N THR A 86 22.77 2.70 -15.22
CA THR A 86 22.61 2.31 -13.83
C THR A 86 23.96 2.30 -13.14
N TYR A 87 24.00 2.87 -11.93
CA TYR A 87 25.19 2.85 -11.09
C TYR A 87 24.79 2.35 -9.71
N GLY A 88 25.46 1.30 -9.24
CA GLY A 88 25.14 0.73 -7.94
C GLY A 88 25.61 1.51 -6.74
N GLY A 89 26.47 2.49 -6.94
CA GLY A 89 27.03 3.25 -5.84
C GLY A 89 26.24 4.50 -5.52
N PRO A 90 26.82 5.38 -4.71
CA PRO A 90 26.12 6.60 -4.30
C PRO A 90 25.89 7.54 -5.47
N THR A 91 24.85 8.36 -5.34
CA THR A 91 24.56 9.36 -6.36
C THR A 91 25.66 10.40 -6.43
N SER A 92 26.23 10.77 -5.29
CA SER A 92 27.29 11.79 -5.27
C SER A 92 28.52 11.30 -6.02
N GLU A 93 28.82 10.00 -5.92
CA GLU A 93 29.95 9.46 -6.66
C GLU A 93 29.71 9.55 -8.17
N PHE A 94 28.49 9.26 -8.61
CA PHE A 94 28.17 9.36 -10.02
C PHE A 94 28.31 10.80 -10.52
N LEU A 95 27.95 11.77 -9.67
CA LEU A 95 28.07 13.17 -10.06
C LEU A 95 29.54 13.57 -10.17
N LYS A 96 30.38 13.09 -9.27
CA LYS A 96 31.81 13.42 -9.34
C LYS A 96 32.47 12.75 -10.54
N GLU A 97 32.09 11.50 -10.82
CA GLU A 97 32.70 10.76 -11.93
C GLU A 97 32.36 11.35 -13.29
N ASN A 98 31.47 12.34 -13.35
CA ASN A 98 31.14 13.00 -14.60
C ASN A 98 31.39 14.51 -14.57
N GLY A 99 31.94 15.03 -13.49
CA GLY A 99 32.29 16.44 -13.41
C GLY A 99 31.18 17.37 -12.98
N ILE A 100 30.03 16.83 -12.58
CA ILE A 100 28.89 17.66 -12.20
C ILE A 100 29.03 18.06 -10.74
N ASN A 101 29.07 19.37 -10.48
CA ASN A 101 29.21 19.90 -9.13
C ASN A 101 27.92 20.44 -8.55
N GLU A 102 26.97 20.86 -9.40
CA GLU A 102 25.69 21.34 -8.94
C GLU A 102 24.57 20.61 -9.68
N VAL A 103 23.47 20.36 -8.97
CA VAL A 103 22.31 19.69 -9.54
C VAL A 103 21.06 20.42 -9.07
N VAL A 104 19.92 20.03 -9.66
CA VAL A 104 18.60 20.45 -9.20
C VAL A 104 17.92 19.23 -8.59
N LEU A 105 17.49 19.37 -7.34
CA LEU A 105 16.79 18.29 -6.64
C LEU A 105 15.30 18.62 -6.62
N LEU A 106 14.53 17.88 -7.41
CA LEU A 106 13.08 18.04 -7.41
C LEU A 106 12.53 17.62 -6.05
N ASP A 107 12.10 18.60 -5.27
CA ASP A 107 11.73 18.37 -3.88
C ASP A 107 10.44 19.15 -3.56
N PRO A 108 9.36 18.46 -3.20
CA PRO A 108 8.13 19.17 -2.83
C PRO A 108 8.23 19.98 -1.55
N TRP A 109 9.33 19.85 -0.81
CA TRP A 109 9.47 20.51 0.48
C TRP A 109 10.29 21.79 0.41
N ALA A 110 10.78 22.17 -0.76
CA ALA A 110 11.52 23.41 -0.90
C ALA A 110 10.56 24.60 -0.84
N GLU A 111 11.13 25.80 -0.67
CA GLU A 111 10.33 27.02 -0.71
C GLU A 111 10.51 27.80 -2.00
N GLU A 112 11.47 27.42 -2.83
CA GLU A 112 11.69 28.05 -4.13
C GLU A 112 11.21 27.12 -5.24
N VAL A 113 10.55 27.70 -6.23
CA VAL A 113 9.91 26.94 -7.30
C VAL A 113 10.89 26.77 -8.45
N LEU A 114 10.84 25.61 -9.11
CA LEU A 114 11.63 25.37 -10.30
C LEU A 114 11.29 26.41 -11.38
N SER A 115 12.33 27.04 -11.93
CA SER A 115 12.15 28.08 -12.93
C SER A 115 13.08 27.80 -14.10
N GLU A 116 12.96 28.63 -15.14
CA GLU A 116 13.84 28.51 -16.29
C GLU A 116 15.29 28.84 -15.96
N LYS A 117 15.53 29.50 -14.82
CA LYS A 117 16.89 29.77 -14.37
C LYS A 117 17.64 28.52 -13.96
N ASP A 118 16.95 27.38 -13.83
CA ASP A 118 17.57 26.13 -13.42
C ASP A 118 17.75 25.15 -14.58
N PHE A 119 17.30 25.51 -15.78
CA PHE A 119 17.46 24.62 -16.93
C PHE A 119 18.90 24.59 -17.44
N ASP A 120 19.82 25.28 -16.78
CA ASP A 120 21.23 25.27 -17.17
C ASP A 120 22.04 24.23 -16.43
N VAL A 121 21.51 23.69 -15.32
CA VAL A 121 22.24 22.68 -14.57
C VAL A 121 22.40 21.42 -15.42
N LYS A 122 23.43 20.64 -15.09
CA LYS A 122 23.81 19.49 -15.89
C LYS A 122 23.08 18.22 -15.50
N ALA A 123 22.33 18.22 -14.39
CA ALA A 123 21.66 17.01 -13.94
C ALA A 123 20.44 17.37 -13.11
N PHE A 124 19.36 16.62 -13.30
CA PHE A 124 18.15 16.72 -12.50
C PHE A 124 17.93 15.40 -11.76
N ILE A 125 17.63 15.48 -10.48
CA ILE A 125 17.55 14.31 -9.60
C ILE A 125 16.13 14.17 -9.08
N ILE A 126 15.56 12.97 -9.25
CA ILE A 126 14.25 12.62 -8.74
C ILE A 126 14.42 11.37 -7.87
N GLY A 127 14.08 11.48 -6.60
CA GLY A 127 14.29 10.38 -5.68
C GLY A 127 13.31 9.24 -5.94
N GLY A 128 13.84 8.03 -6.04
CA GLY A 128 13.00 6.85 -6.21
C GLY A 128 12.25 6.53 -4.94
N ILE A 129 11.13 7.22 -4.71
CA ILE A 129 10.38 7.14 -3.46
C ILE A 129 8.90 6.95 -3.79
N VAL A 130 8.23 6.13 -2.98
CA VAL A 130 6.78 5.98 -3.03
C VAL A 130 6.22 6.16 -1.62
N ASP A 131 4.91 6.25 -1.53
CA ASP A 131 4.22 6.46 -0.26
C ASP A 131 3.15 5.39 -0.07
N THR A 132 2.64 5.30 1.15
CA THR A 132 1.58 4.36 1.48
C THR A 132 0.71 4.90 2.62
N ASN A 135 1.73 9.11 6.12
CA ASN A 135 1.14 8.66 4.86
C ASN A 135 1.93 9.22 3.67
N LYS A 136 2.70 10.27 3.92
CA LYS A 136 3.56 10.87 2.91
C LYS A 136 5.00 11.03 3.36
N LYS A 137 5.23 11.45 4.61
CA LYS A 137 6.56 11.63 5.18
C LYS A 137 7.34 12.72 4.45
N LYS A 138 8.56 13.01 4.93
CA LYS A 138 9.42 14.06 4.39
C LYS A 138 10.77 13.42 4.11
N THR A 139 10.92 12.83 2.93
CA THR A 139 12.07 11.98 2.62
C THR A 139 13.10 12.67 1.73
N THR A 140 12.66 13.24 0.61
CA THR A 140 13.61 13.71 -0.40
C THR A 140 14.59 14.79 0.09
N PRO A 141 14.26 15.69 1.03
CA PRO A 141 15.29 16.62 1.52
C PRO A 141 16.49 15.93 2.13
N LYS A 142 16.35 14.69 2.61
CA LYS A 142 17.50 13.96 3.13
C LYS A 142 18.49 13.63 2.01
N ILE A 143 17.99 13.42 0.80
CA ILE A 143 18.88 13.20 -0.35
C ILE A 143 19.73 14.45 -0.58
N GLY A 144 19.13 15.63 -0.46
CA GLY A 144 19.90 16.86 -0.62
C GLY A 144 20.91 17.04 0.49
N GLU A 145 20.53 16.69 1.73
CA GLU A 145 21.48 16.74 2.84
C GLU A 145 22.64 15.79 2.61
N GLU A 146 22.36 14.62 2.04
CA GLU A 146 23.44 13.69 1.72
C GLU A 146 24.34 14.24 0.61
N LEU A 147 23.75 14.88 -0.40
CA LEU A 147 24.54 15.46 -1.47
C LEU A 147 25.39 16.62 -0.97
N GLU A 148 24.84 17.44 -0.06
CA GLU A 148 25.60 18.54 0.50
C GLU A 148 26.76 18.03 1.35
N SER A 149 26.53 16.96 2.12
CA SER A 149 27.59 16.40 2.95
C SER A 149 28.74 15.87 2.10
N ALA A 150 28.45 15.44 0.88
CA ALA A 150 29.47 15.00 -0.06
C ALA A 150 30.02 16.15 -0.90
N GLY A 151 29.71 17.40 -0.54
CA GLY A 151 30.22 18.54 -1.26
C GLY A 151 29.63 18.71 -2.65
N ILE A 152 28.30 18.82 -2.72
CA ILE A 152 27.59 19.02 -3.98
C ILE A 152 26.61 20.16 -3.79
N LYS A 153 26.69 21.17 -4.66
CA LYS A 153 25.70 22.25 -4.64
C LYS A 153 24.35 21.71 -5.09
N VAL A 154 23.33 21.94 -4.29
CA VAL A 154 21.99 21.40 -4.54
C VAL A 154 21.01 22.55 -4.60
N ARG A 155 20.19 22.57 -5.64
CA ARG A 155 19.09 23.54 -5.79
C ARG A 155 17.79 22.79 -5.54
N ARG A 156 17.25 22.92 -4.33
CA ARG A 156 15.96 22.32 -4.02
C ARG A 156 14.85 23.09 -4.71
N ARG A 157 14.15 22.44 -5.62
CA ARG A 157 13.12 23.09 -6.42
C ARG A 157 11.82 22.30 -6.32
N LYS A 158 10.73 22.98 -6.02
CA LYS A 158 9.41 22.37 -5.97
C LYS A 158 8.61 22.74 -7.21
N ILE A 159 7.74 21.82 -7.62
CA ILE A 159 6.87 22.02 -8.76
C ILE A 159 5.47 22.30 -8.22
N VAL A 160 4.92 23.45 -8.59
CA VAL A 160 3.66 23.94 -8.02
C VAL A 160 2.63 24.12 -9.13
N LEU A 161 1.36 23.99 -8.75
CA LEU A 161 0.23 24.28 -9.62
C LEU A 161 -0.55 25.41 -8.95
N ARG A 162 -0.45 26.61 -9.49
CA ARG A 162 -1.11 27.81 -8.96
C ARG A 162 -0.59 28.18 -7.58
N GLY A 163 0.66 27.85 -7.27
CA GLY A 163 1.28 28.22 -6.01
C GLY A 163 1.32 27.11 -4.98
N ASP A 164 0.41 26.14 -5.04
CA ASP A 164 0.36 25.05 -4.10
C ASP A 164 0.73 23.73 -4.79
N VAL A 165 1.39 22.85 -4.05
CA VAL A 165 1.79 21.55 -4.60
C VAL A 165 0.63 20.57 -4.67
N VAL A 166 -0.51 20.90 -4.09
CA VAL A 166 -1.69 20.05 -4.22
C VAL A 166 -2.16 20.08 -5.67
N GLY A 167 -2.45 18.89 -6.22
CA GLY A 167 -2.80 18.77 -7.61
C GLY A 167 -1.64 18.44 -8.53
N VAL A 168 -0.41 18.51 -8.02
CA VAL A 168 0.77 18.14 -8.79
C VAL A 168 0.97 16.63 -8.63
N PRO A 169 0.88 15.85 -9.70
CA PRO A 169 1.14 14.41 -9.58
C PRO A 169 2.59 14.17 -9.17
N ASP A 170 2.77 13.37 -8.12
CA ASP A 170 4.08 13.18 -7.51
C ASP A 170 4.74 11.86 -7.90
N ARG A 171 4.20 11.15 -8.89
CA ARG A 171 4.86 9.95 -9.37
C ARG A 171 6.10 10.31 -10.17
N ILE A 172 7.09 9.43 -10.14
CA ILE A 172 8.39 9.71 -10.75
C ILE A 172 8.23 10.01 -12.24
N ASN A 173 7.46 9.18 -12.95
CA ASN A 173 7.26 9.41 -14.37
C ASN A 173 6.47 10.69 -14.62
N ARG A 174 5.53 11.02 -13.74
CA ARG A 174 4.77 12.25 -13.91
C ARG A 174 5.64 13.48 -13.68
N ILE A 175 6.50 13.43 -12.65
CA ILE A 175 7.40 14.55 -12.39
C ILE A 175 8.36 14.75 -13.55
N LEU A 176 8.90 13.65 -14.09
CA LEU A 176 9.81 13.75 -15.22
C LEU A 176 9.10 14.35 -16.43
N GLY A 177 7.84 13.98 -16.65
CA GLY A 177 7.10 14.54 -17.77
C GLY A 177 6.83 16.02 -17.61
N ILE A 178 6.55 16.46 -16.37
CA ILE A 178 6.29 17.88 -16.13
C ILE A 178 7.50 18.72 -16.48
N ILE A 179 8.70 18.26 -16.12
CA ILE A 179 9.91 19.01 -16.43
C ILE A 179 10.17 19.02 -17.93
N LEU A 180 9.89 17.90 -18.60
CA LEU A 180 10.19 17.81 -20.03
C LEU A 180 9.31 18.73 -20.85
N LYS A 181 8.03 18.87 -20.48
CA LYS A 181 7.16 19.77 -21.20
C LYS A 181 7.60 21.22 -21.04
N MET A 182 8.29 21.53 -19.94
CA MET A 182 8.80 22.87 -19.72
C MET A 182 10.09 23.11 -20.49
N MET A 183 11.00 22.13 -20.49
CA MET A 183 12.29 22.30 -21.15
C MET A 183 12.18 22.10 -22.66
N VAL A 184 11.57 20.99 -23.08
CA VAL A 184 11.50 20.65 -24.49
C VAL A 184 10.40 21.45 -25.16
N GLU A 185 9.15 21.17 -24.81
CA GLU A 185 8.00 21.78 -25.47
C GLU A 185 7.78 23.23 -25.06
N GLY A 186 8.58 23.77 -24.14
CA GLY A 186 8.45 25.16 -23.74
C GLY A 186 7.17 25.52 -23.03
N LYS A 187 6.41 24.54 -22.55
CA LYS A 187 5.20 24.83 -21.79
C LYS A 187 5.52 25.57 -20.50
N SER A 188 4.50 26.16 -19.90
CA SER A 188 4.63 26.74 -18.57
C SER A 188 4.41 25.66 -17.53
N MET A 189 4.71 26.00 -16.27
CA MET A 189 4.55 25.02 -15.20
C MET A 189 3.10 24.65 -14.99
N ASP A 190 2.19 25.64 -15.02
CA ASP A 190 0.77 25.35 -14.84
C ASP A 190 0.25 24.48 -15.99
N GLU A 191 0.69 24.76 -17.22
CA GLU A 191 0.25 23.95 -18.35
C GLU A 191 0.88 22.56 -18.31
N ALA A 192 2.16 22.47 -17.95
CA ALA A 192 2.81 21.17 -17.87
C ALA A 192 2.20 20.31 -16.78
N VAL A 193 1.90 20.92 -15.62
CA VAL A 193 1.33 20.14 -14.52
C VAL A 193 -0.06 19.64 -14.88
N TYR A 194 -0.90 20.49 -15.48
CA TYR A 194 -2.26 20.07 -15.79
C TYR A 194 -2.28 18.98 -16.86
N GLU A 195 -1.41 19.08 -17.87
CA GLU A 195 -1.39 18.06 -18.92
C GLU A 195 -0.93 16.71 -18.38
N MET A 196 -0.05 16.69 -17.37
CA MET A 196 0.37 15.45 -16.75
C MET A 196 -0.57 14.99 -15.65
N GLN A 197 -1.43 15.89 -15.15
CA GLN A 197 -2.32 15.60 -14.03
C GLN A 197 -3.37 14.54 -14.35
N TRP B 23 -21.86 -14.08 -11.04
CA TRP B 23 -23.31 -14.04 -11.18
C TRP B 23 -23.92 -12.62 -11.12
N PRO B 24 -23.59 -11.82 -10.10
CA PRO B 24 -24.23 -10.50 -9.97
C PRO B 24 -23.70 -9.50 -10.99
N TYR B 25 -24.40 -8.37 -11.07
CA TYR B 25 -24.01 -7.26 -11.93
C TYR B 25 -23.02 -6.37 -11.20
N PHE B 26 -22.00 -5.92 -11.92
CA PHE B 26 -21.06 -4.91 -11.44
C PHE B 26 -21.32 -3.64 -12.24
N ILE B 27 -21.96 -2.66 -11.61
CA ILE B 27 -22.47 -1.48 -12.28
C ILE B 27 -21.60 -0.28 -11.93
N ILE B 28 -21.10 0.41 -12.95
CA ILE B 28 -20.38 1.67 -12.78
C ILE B 28 -21.37 2.79 -13.09
N ASP B 29 -21.75 3.52 -12.05
CA ASP B 29 -22.84 4.51 -12.15
C ASP B 29 -22.27 5.82 -12.66
N LEU B 30 -22.53 6.14 -13.94
CA LEU B 30 -22.08 7.40 -14.50
C LEU B 30 -22.94 8.58 -14.09
N TYR B 31 -23.75 8.43 -13.04
CA TYR B 31 -24.25 9.58 -12.33
C TYR B 31 -23.07 10.47 -11.95
N HIS B 32 -23.24 11.78 -12.15
CA HIS B 32 -22.24 12.83 -11.93
C HIS B 32 -21.33 13.01 -13.15
N TRP B 33 -21.68 12.39 -14.28
CA TRP B 33 -20.81 12.50 -15.46
C TRP B 33 -20.67 13.95 -15.91
N ASP B 34 -21.77 14.70 -15.93
CA ASP B 34 -21.71 16.09 -16.35
C ASP B 34 -21.12 17.01 -15.29
N LYS B 35 -20.94 16.52 -14.06
CA LYS B 35 -20.25 17.30 -13.04
C LYS B 35 -18.76 17.36 -13.26
N HIS B 36 -18.19 16.39 -13.98
CA HIS B 36 -16.74 16.27 -14.11
C HIS B 36 -16.22 17.11 -15.27
N THR B 37 -14.91 17.35 -15.23
CA THR B 37 -14.20 18.02 -16.31
C THR B 37 -13.86 17.02 -17.41
N GLN B 38 -13.36 17.54 -18.54
CA GLN B 38 -13.05 16.68 -19.67
C GLN B 38 -11.89 15.74 -19.36
N LYS B 39 -10.95 16.16 -18.50
CA LYS B 39 -9.89 15.26 -18.09
C LYS B 39 -10.40 14.19 -17.14
N GLU B 40 -11.24 14.57 -16.17
CA GLU B 40 -11.81 13.59 -15.26
C GLU B 40 -12.71 12.61 -16.00
N LYS B 41 -13.37 13.06 -17.07
CA LYS B 41 -14.17 12.14 -17.88
C LYS B 41 -13.29 11.11 -18.57
N GLY B 42 -12.13 11.53 -19.06
CA GLY B 42 -11.22 10.59 -19.70
C GLY B 42 -10.69 9.56 -18.73
N LYS B 43 -10.45 9.96 -17.48
CA LYS B 43 -9.98 9.01 -16.48
C LYS B 43 -11.08 8.03 -16.07
N ILE B 44 -12.34 8.49 -16.09
CA ILE B 44 -13.45 7.59 -15.81
C ILE B 44 -13.55 6.52 -16.89
N ALA B 45 -13.47 6.94 -18.16
CA ALA B 45 -13.55 5.99 -19.26
C ALA B 45 -12.39 5.00 -19.23
N LEU B 46 -11.20 5.46 -18.83
CA LEU B 46 -10.06 4.56 -18.71
C LEU B 46 -10.32 3.49 -17.66
N GLN B 47 -10.82 3.90 -16.50
CA GLN B 47 -11.04 2.95 -15.41
C GLN B 47 -12.18 1.98 -15.70
N VAL B 48 -13.20 2.43 -16.44
CA VAL B 48 -14.23 1.51 -16.88
C VAL B 48 -13.65 0.47 -17.83
N ASN B 49 -12.77 0.92 -18.74
CA ASN B 49 -12.12 -0.02 -19.65
C ASN B 49 -11.22 -0.99 -18.89
N GLN B 50 -10.50 -0.49 -17.87
CA GLN B 50 -9.71 -1.37 -17.02
C GLN B 50 -10.61 -2.28 -16.19
N SER B 51 -11.81 -1.83 -15.84
CA SER B 51 -12.74 -2.67 -15.10
C SER B 51 -13.21 -3.85 -15.94
N TYR B 52 -13.48 -3.61 -17.23
CA TYR B 52 -13.85 -4.72 -18.12
C TYR B 52 -12.68 -5.67 -18.31
N GLY B 53 -11.47 -5.14 -18.50
CA GLY B 53 -10.31 -6.00 -18.68
C GLY B 53 -10.03 -6.86 -17.46
N LEU B 54 -10.34 -6.34 -16.26
CA LEU B 54 -10.15 -7.12 -15.05
C LEU B 54 -11.23 -8.17 -14.86
N LEU B 55 -12.44 -7.92 -15.34
CA LEU B 55 -13.52 -8.88 -15.22
C LEU B 55 -13.39 -10.01 -16.23
N ARG B 56 -12.73 -9.76 -17.37
CA ARG B 56 -12.53 -10.81 -18.36
C ARG B 56 -11.58 -11.88 -17.85
N ASP B 57 -10.71 -11.55 -16.91
CA ASP B 57 -9.82 -12.52 -16.29
C ASP B 57 -10.52 -13.41 -15.27
N TYR B 58 -11.81 -13.19 -15.03
CA TYR B 58 -12.55 -13.95 -14.03
C TYR B 58 -13.79 -14.58 -14.65
N PHE B 59 -14.94 -13.94 -14.46
CA PHE B 59 -16.20 -14.42 -15.02
C PHE B 59 -16.41 -13.81 -16.40
N GLY B 61 -17.30 -12.18 -19.05
CA GLY B 61 -16.71 -10.88 -18.80
C GLY B 61 -17.64 -9.73 -19.13
N SER B 62 -18.92 -10.05 -19.36
CA SER B 62 -19.92 -9.06 -19.70
C SER B 62 -20.82 -8.70 -18.52
N GLU B 63 -20.45 -9.11 -17.30
CA GLU B 63 -21.21 -8.73 -16.12
C GLU B 63 -21.13 -7.24 -15.81
N LEU B 64 -20.18 -6.53 -16.42
CA LEU B 64 -19.99 -5.11 -16.15
C LEU B 64 -21.05 -4.29 -16.88
N ALA B 65 -21.86 -3.55 -16.11
CA ALA B 65 -22.86 -2.66 -16.67
C ALA B 65 -22.49 -1.21 -16.35
N VAL B 66 -22.88 -0.30 -17.24
CA VAL B 66 -22.59 1.12 -17.09
C VAL B 66 -23.90 1.87 -17.24
N THR B 67 -24.46 2.31 -16.11
CA THR B 67 -25.68 3.11 -16.12
C THR B 67 -25.34 4.59 -16.31
N TRP B 68 -26.35 5.36 -16.73
CA TRP B 68 -26.17 6.77 -17.09
C TRP B 68 -25.12 6.94 -18.18
N ALA B 69 -25.04 5.98 -19.09
CA ALA B 69 -24.04 5.99 -20.15
C ALA B 69 -24.59 6.78 -21.34
N ASN B 70 -24.35 8.09 -21.33
CA ASN B 70 -24.74 8.94 -22.45
C ASN B 70 -23.75 8.78 -23.59
N GLU B 71 -24.02 9.48 -24.70
CA GLU B 71 -23.24 9.26 -25.91
C GLU B 71 -21.82 9.78 -25.79
N GLU B 72 -21.59 10.76 -24.91
CA GLU B 72 -20.23 11.26 -24.74
C GLU B 72 -19.32 10.20 -24.11
N PHE B 73 -19.86 9.38 -23.22
CA PHE B 73 -19.08 8.28 -22.67
C PHE B 73 -18.79 7.22 -23.73
N ARG B 74 -19.78 6.94 -24.58
CA ARG B 74 -19.57 5.94 -25.64
C ARG B 74 -18.49 6.39 -26.62
N GLU B 75 -18.30 7.70 -26.77
CA GLU B 75 -17.29 8.21 -27.69
C GLU B 75 -15.89 8.15 -27.08
N MET B 76 -15.75 8.56 -25.81
CA MET B 76 -14.45 8.58 -25.15
C MET B 76 -14.00 7.20 -24.67
N PHE B 77 -14.83 6.17 -24.85
CA PHE B 77 -14.52 4.84 -24.34
C PHE B 77 -13.68 4.09 -25.38
N HIS B 78 -12.42 3.83 -25.04
CA HIS B 78 -11.53 3.11 -25.94
C HIS B 78 -11.86 1.62 -26.03
N GLY B 79 -12.64 1.10 -25.08
CA GLY B 79 -12.91 -0.32 -25.03
C GLY B 79 -14.04 -0.73 -25.96
N PRO B 80 -14.39 -2.01 -25.89
CA PRO B 80 -15.45 -2.54 -26.76
C PRO B 80 -16.84 -2.38 -26.16
N LEU B 81 -17.69 -1.58 -26.81
CA LEU B 81 -19.06 -1.42 -26.33
C LEU B 81 -19.88 -2.68 -26.55
N ASP B 82 -19.54 -3.47 -27.58
CA ASP B 82 -20.26 -4.70 -27.84
C ASP B 82 -20.01 -5.78 -26.79
N ARG B 83 -19.01 -5.60 -25.92
CA ARG B 83 -18.68 -6.59 -24.93
C ARG B 83 -19.10 -6.21 -23.51
N ILE B 84 -19.45 -4.95 -23.27
CA ILE B 84 -19.95 -4.51 -21.97
C ILE B 84 -21.38 -4.01 -22.14
N THR B 85 -22.12 -4.00 -21.04
CA THR B 85 -23.50 -3.56 -21.02
C THR B 85 -23.55 -2.06 -20.72
N THR B 86 -24.13 -1.29 -21.64
CA THR B 86 -24.30 0.14 -21.46
C THR B 86 -25.79 0.47 -21.38
N TYR B 87 -26.13 1.44 -20.55
CA TYR B 87 -27.53 1.79 -20.31
C TYR B 87 -27.58 3.28 -20.01
N GLY B 88 -28.03 4.07 -21.00
CA GLY B 88 -28.07 5.51 -20.86
C GLY B 88 -29.09 6.04 -19.88
N GLY B 89 -29.91 5.17 -19.28
CA GLY B 89 -30.93 5.61 -18.35
C GLY B 89 -30.45 5.54 -16.91
N PRO B 90 -31.33 5.89 -15.98
CA PRO B 90 -30.96 5.84 -14.56
C PRO B 90 -30.66 4.43 -14.11
N THR B 91 -29.93 4.33 -12.99
CA THR B 91 -29.54 3.04 -12.46
C THR B 91 -30.75 2.27 -11.94
N SER B 92 -31.64 2.95 -11.22
CA SER B 92 -32.83 2.28 -10.71
C SER B 92 -33.69 1.75 -11.84
N GLU B 93 -33.76 2.48 -12.96
CA GLU B 93 -34.47 1.98 -14.13
C GLU B 93 -33.81 0.74 -14.69
N PHE B 94 -32.48 0.65 -14.60
CA PHE B 94 -31.78 -0.55 -15.03
C PHE B 94 -32.03 -1.70 -14.07
N LEU B 95 -32.13 -1.41 -12.77
CA LEU B 95 -32.40 -2.46 -11.79
C LEU B 95 -33.81 -3.00 -11.94
N LYS B 96 -34.78 -2.12 -12.20
CA LYS B 96 -36.17 -2.55 -12.31
C LYS B 96 -36.41 -3.35 -13.59
N GLU B 97 -35.70 -3.02 -14.68
CA GLU B 97 -35.81 -3.81 -15.89
C GLU B 97 -35.25 -5.22 -15.72
N ASN B 98 -34.33 -5.42 -14.78
CA ASN B 98 -33.73 -6.72 -14.53
C ASN B 98 -34.22 -7.34 -13.23
N GLY B 99 -35.32 -6.83 -12.67
CA GLY B 99 -35.90 -7.40 -11.47
C GLY B 99 -35.12 -7.18 -10.20
N ILE B 100 -34.08 -6.36 -10.23
CA ILE B 100 -33.27 -6.12 -9.03
C ILE B 100 -33.94 -5.05 -8.18
N ASN B 101 -34.09 -5.34 -6.88
CA ASN B 101 -34.62 -4.36 -5.93
C ASN B 101 -33.72 -4.16 -4.72
N GLU B 102 -32.78 -5.05 -4.45
CA GLU B 102 -31.82 -4.91 -3.36
C GLU B 102 -30.42 -4.85 -3.95
N VAL B 103 -29.67 -3.81 -3.60
CA VAL B 103 -28.36 -3.57 -4.17
C VAL B 103 -27.38 -3.23 -3.06
N VAL B 104 -26.12 -3.63 -3.25
CA VAL B 104 -25.01 -3.19 -2.42
C VAL B 104 -24.32 -2.02 -3.12
N LEU B 105 -24.16 -0.91 -2.42
CA LEU B 105 -23.51 0.28 -2.95
C LEU B 105 -22.16 0.45 -2.27
N LEU B 106 -21.10 0.37 -3.07
CA LEU B 106 -19.75 0.59 -2.55
C LEU B 106 -19.60 2.06 -2.18
N ASP B 107 -19.51 2.33 -0.88
CA ASP B 107 -19.46 3.69 -0.37
C ASP B 107 -18.41 3.80 0.74
N PRO B 108 -17.37 4.61 0.57
CA PRO B 108 -16.39 4.80 1.65
C PRO B 108 -16.96 5.49 2.88
N TRP B 109 -18.17 6.06 2.79
CA TRP B 109 -18.80 6.74 3.91
C TRP B 109 -19.79 5.85 4.66
N ALA B 110 -19.87 4.56 4.30
CA ALA B 110 -20.84 3.67 4.91
C ALA B 110 -20.48 3.39 6.37
N GLU B 111 -21.47 2.94 7.12
CA GLU B 111 -21.26 2.55 8.51
C GLU B 111 -20.82 1.10 8.61
N GLU B 112 -21.48 0.20 7.89
CA GLU B 112 -21.14 -1.22 7.90
C GLU B 112 -20.09 -1.52 6.83
N VAL B 113 -19.30 -2.56 7.09
CA VAL B 113 -18.21 -2.97 6.22
C VAL B 113 -18.69 -4.11 5.33
N LEU B 114 -18.30 -4.06 4.05
CA LEU B 114 -18.63 -5.13 3.12
C LEU B 114 -18.08 -6.46 3.61
N SER B 115 -18.90 -7.50 3.54
CA SER B 115 -18.51 -8.83 3.99
C SER B 115 -19.13 -9.87 3.06
N GLU B 116 -18.85 -11.14 3.35
CA GLU B 116 -19.46 -12.21 2.57
C GLU B 116 -20.95 -12.36 2.85
N LYS B 117 -21.47 -11.67 3.86
CA LYS B 117 -22.92 -11.56 4.08
C LYS B 117 -23.60 -10.69 3.05
N ASP B 118 -22.86 -10.10 2.11
CA ASP B 118 -23.42 -9.26 1.06
C ASP B 118 -23.14 -9.80 -0.34
N PHE B 119 -22.53 -10.98 -0.45
CA PHE B 119 -22.13 -11.50 -1.75
C PHE B 119 -23.25 -12.24 -2.47
N ASP B 120 -24.43 -12.35 -1.87
CA ASP B 120 -25.57 -12.97 -2.53
C ASP B 120 -26.45 -11.96 -3.27
N VAL B 121 -26.24 -10.66 -3.06
CA VAL B 121 -27.02 -9.66 -3.77
C VAL B 121 -26.70 -9.72 -5.26
N LYS B 122 -27.69 -9.42 -6.08
CA LYS B 122 -27.58 -9.61 -7.53
C LYS B 122 -26.91 -8.44 -8.24
N ALA B 123 -26.47 -7.42 -7.50
CA ALA B 123 -25.88 -6.25 -8.15
C ALA B 123 -24.98 -5.52 -7.15
N PHE B 124 -23.78 -5.16 -7.60
CA PHE B 124 -22.86 -4.32 -6.86
C PHE B 124 -22.61 -3.05 -7.66
N ILE B 125 -22.67 -1.90 -7.00
CA ILE B 125 -22.60 -0.61 -7.66
C ILE B 125 -21.36 0.13 -7.18
N ILE B 126 -20.49 0.51 -8.12
CA ILE B 126 -19.35 1.37 -7.88
C ILE B 126 -19.61 2.68 -8.61
N GLY B 127 -19.55 3.79 -7.88
CA GLY B 127 -19.88 5.08 -8.48
C GLY B 127 -18.78 5.53 -9.43
N GLY B 128 -19.16 5.89 -10.65
CA GLY B 128 -18.23 6.42 -11.62
C GLY B 128 -17.78 7.81 -11.25
N ILE B 129 -16.90 7.93 -10.26
CA ILE B 129 -16.48 9.20 -9.70
C ILE B 129 -14.96 9.27 -9.73
N VAL B 130 -14.43 10.37 -10.27
CA VAL B 130 -12.99 10.59 -10.31
C VAL B 130 -12.67 12.04 -9.98
N LYS B 137 -14.99 15.00 -0.60
CA LYS B 137 -16.20 15.21 -1.40
C LYS B 137 -17.19 14.06 -1.18
N LYS B 138 -18.16 14.27 -0.29
CA LYS B 138 -19.18 13.27 -0.02
C LYS B 138 -20.12 13.14 -1.21
N THR B 139 -19.75 12.30 -2.17
CA THR B 139 -20.47 12.17 -3.44
C THR B 139 -21.24 10.87 -3.58
N THR B 140 -20.65 9.74 -3.19
CA THR B 140 -21.29 8.45 -3.42
C THR B 140 -22.63 8.28 -2.70
N PRO B 141 -22.80 8.65 -1.43
CA PRO B 141 -24.12 8.45 -0.80
C PRO B 141 -25.25 9.20 -1.49
N LYS B 142 -24.94 10.18 -2.35
CA LYS B 142 -25.98 10.79 -3.17
C LYS B 142 -26.58 9.78 -4.13
N ILE B 143 -25.81 8.78 -4.55
CA ILE B 143 -26.34 7.71 -5.39
C ILE B 143 -27.25 6.80 -4.58
N GLY B 144 -26.85 6.49 -3.34
CA GLY B 144 -27.70 5.65 -2.50
C GLY B 144 -29.00 6.31 -2.12
N GLU B 145 -29.01 7.64 -1.97
CA GLU B 145 -30.25 8.34 -1.66
C GLU B 145 -31.18 8.42 -2.86
N GLU B 146 -30.61 8.54 -4.07
CA GLU B 146 -31.44 8.54 -5.27
C GLU B 146 -32.03 7.17 -5.53
N LEU B 147 -31.29 6.10 -5.24
CA LEU B 147 -31.79 4.76 -5.46
C LEU B 147 -32.89 4.40 -4.49
N GLU B 148 -32.69 4.70 -3.19
CA GLU B 148 -33.72 4.42 -2.20
C GLU B 148 -34.99 5.23 -2.46
N SER B 149 -34.85 6.43 -3.04
CA SER B 149 -36.02 7.22 -3.39
C SER B 149 -36.85 6.53 -4.48
N ALA B 150 -36.20 5.75 -5.34
CA ALA B 150 -36.88 5.00 -6.38
C ALA B 150 -37.30 3.60 -5.91
N GLY B 151 -37.39 3.38 -4.61
CA GLY B 151 -37.82 2.10 -4.09
C GLY B 151 -36.81 0.99 -4.23
N ILE B 152 -35.52 1.32 -4.17
CA ILE B 152 -34.44 0.33 -4.27
C ILE B 152 -33.81 0.18 -2.90
N LYS B 153 -33.58 -1.06 -2.49
CA LYS B 153 -32.89 -1.33 -1.24
C LYS B 153 -31.39 -1.17 -1.46
N VAL B 154 -30.76 -0.29 -0.67
CA VAL B 154 -29.35 0.04 -0.82
C VAL B 154 -28.61 -0.41 0.44
N ARG B 155 -27.61 -1.27 0.26
CA ARG B 155 -26.75 -1.71 1.34
C ARG B 155 -25.41 -0.99 1.16
N ARG B 156 -25.27 0.17 1.79
CA ARG B 156 -24.03 0.92 1.71
C ARG B 156 -22.92 0.15 2.40
N ARG B 157 -21.84 -0.14 1.68
CA ARG B 157 -20.76 -0.97 2.17
C ARG B 157 -19.42 -0.29 1.90
N LYS B 158 -18.61 -0.17 2.94
CA LYS B 158 -17.27 0.40 2.84
C LYS B 158 -16.23 -0.72 2.74
N ILE B 159 -15.08 -0.37 2.20
CA ILE B 159 -13.92 -1.26 2.11
C ILE B 159 -12.80 -0.63 2.90
N VAL B 160 -12.30 -1.35 3.90
CA VAL B 160 -11.31 -0.82 4.82
C VAL B 160 -10.08 -1.71 4.81
N LEU B 161 -8.95 -1.13 5.23
CA LEU B 161 -7.70 -1.85 5.44
C LEU B 161 -7.32 -1.67 6.91
N ARG B 162 -7.44 -2.76 7.68
CA ARG B 162 -7.20 -2.73 9.12
C ARG B 162 -8.11 -1.72 9.80
N GLY B 163 -9.41 -1.82 9.52
CA GLY B 163 -10.42 -0.96 10.12
C GLY B 163 -10.46 0.46 9.59
N ASP B 164 -9.54 0.85 8.72
CA ASP B 164 -9.47 2.22 8.23
C ASP B 164 -9.58 2.24 6.71
N VAL B 165 -10.08 3.36 6.19
CA VAL B 165 -10.29 3.53 4.75
C VAL B 165 -9.07 4.14 4.07
N VAL B 166 -8.07 4.58 4.83
CA VAL B 166 -6.94 5.35 4.29
C VAL B 166 -6.22 4.58 3.19
N GLY B 167 -5.60 3.46 3.54
CA GLY B 167 -4.77 2.74 2.60
C GLY B 167 -5.52 1.98 1.51
N VAL B 168 -6.82 2.22 1.37
CA VAL B 168 -7.64 1.53 0.39
C VAL B 168 -7.57 2.29 -0.92
N PRO B 169 -7.14 1.68 -2.02
CA PRO B 169 -7.15 2.38 -3.31
C PRO B 169 -8.57 2.72 -3.72
N ASP B 170 -8.74 3.90 -4.32
CA ASP B 170 -10.07 4.40 -4.64
C ASP B 170 -10.38 4.41 -6.13
N ARG B 171 -9.47 3.93 -6.98
CA ARG B 171 -9.78 3.81 -8.40
C ARG B 171 -10.89 2.81 -8.62
N ILE B 172 -11.73 3.10 -9.63
CA ILE B 172 -12.88 2.24 -9.91
C ILE B 172 -12.43 0.80 -10.19
N ASN B 173 -11.39 0.65 -11.01
CA ASN B 173 -10.89 -0.69 -11.31
C ASN B 173 -10.28 -1.36 -10.10
N ARG B 174 -9.67 -0.57 -9.19
CA ARG B 174 -9.08 -1.16 -7.99
C ARG B 174 -10.14 -1.66 -7.04
N ILE B 175 -11.20 -0.88 -6.83
CA ILE B 175 -12.29 -1.30 -5.95
C ILE B 175 -12.95 -2.57 -6.49
N LEU B 176 -13.13 -2.65 -7.81
CA LEU B 176 -13.68 -3.85 -8.41
C LEU B 176 -12.75 -5.04 -8.19
N GLY B 177 -11.45 -4.83 -8.30
CA GLY B 177 -10.50 -5.91 -8.08
C GLY B 177 -10.56 -6.48 -6.68
N ILE B 178 -10.81 -5.63 -5.69
CA ILE B 178 -10.92 -6.10 -4.30
C ILE B 178 -12.18 -6.94 -4.13
N ILE B 179 -13.29 -6.52 -4.76
CA ILE B 179 -14.53 -7.28 -4.68
C ILE B 179 -14.35 -8.65 -5.33
N LEU B 180 -13.69 -8.70 -6.49
CA LEU B 180 -13.49 -9.97 -7.17
C LEU B 180 -12.61 -10.90 -6.35
N LYS B 181 -11.49 -10.38 -5.82
CA LYS B 181 -10.60 -11.23 -5.03
C LYS B 181 -11.25 -11.73 -3.74
N MET B 182 -12.30 -11.05 -3.27
CA MET B 182 -13.06 -11.54 -2.14
C MET B 182 -14.15 -12.53 -2.55
N MET B 183 -14.84 -12.24 -3.66
CA MET B 183 -16.01 -13.03 -4.02
C MET B 183 -15.64 -14.37 -4.65
N VAL B 184 -14.68 -14.39 -5.56
CA VAL B 184 -14.35 -15.59 -6.31
C VAL B 184 -12.95 -16.11 -6.02
N GLU B 185 -12.22 -15.51 -5.08
CA GLU B 185 -10.95 -16.04 -4.63
C GLU B 185 -10.89 -16.31 -3.14
N GLY B 186 -11.91 -15.92 -2.38
CA GLY B 186 -11.94 -16.22 -0.96
C GLY B 186 -10.99 -15.43 -0.10
N LYS B 187 -10.24 -14.50 -0.67
CA LYS B 187 -9.33 -13.67 0.12
C LYS B 187 -10.12 -12.84 1.12
N SER B 188 -9.49 -12.52 2.24
CA SER B 188 -10.10 -11.60 3.18
C SER B 188 -9.97 -10.18 2.66
N MET B 189 -10.62 -9.24 3.37
CA MET B 189 -10.57 -7.86 2.93
C MET B 189 -9.16 -7.29 3.02
N ASP B 190 -8.49 -7.49 4.17
CA ASP B 190 -7.13 -6.99 4.32
C ASP B 190 -6.19 -7.63 3.30
N GLU B 191 -6.40 -8.92 2.99
CA GLU B 191 -5.61 -9.56 1.94
C GLU B 191 -5.92 -8.95 0.58
N ALA B 192 -7.20 -8.88 0.23
CA ALA B 192 -7.58 -8.38 -1.09
C ALA B 192 -7.17 -6.92 -1.27
N VAL B 193 -7.31 -6.11 -0.24
CA VAL B 193 -6.92 -4.69 -0.34
C VAL B 193 -5.42 -4.58 -0.55
N TYR B 194 -4.63 -5.33 0.24
CA TYR B 194 -3.19 -5.21 0.14
C TYR B 194 -2.67 -5.65 -1.23
N GLU B 195 -3.28 -6.71 -1.79
CA GLU B 195 -2.84 -7.17 -3.11
C GLU B 195 -3.14 -6.15 -4.19
N MET B 196 -4.28 -5.44 -4.08
CA MET B 196 -4.62 -4.39 -5.02
C MET B 196 -3.97 -3.06 -4.68
N GLN B 197 -3.33 -2.95 -3.52
CA GLN B 197 -2.72 -1.70 -3.09
C GLN B 197 -1.45 -1.40 -3.89
N PRO C 24 9.32 -24.11 14.02
CA PRO C 24 8.16 -23.22 14.19
C PRO C 24 8.53 -21.76 13.96
N TYR C 25 7.57 -20.98 13.45
CA TYR C 25 7.77 -19.56 13.23
C TYR C 25 7.44 -18.76 14.49
N PHE C 26 8.16 -17.66 14.68
CA PHE C 26 7.87 -16.70 15.74
C PHE C 26 7.56 -15.37 15.05
N ILE C 27 6.28 -15.05 14.96
CA ILE C 27 5.80 -13.90 14.18
C ILE C 27 5.57 -12.73 15.12
N ILE C 28 5.95 -11.54 14.66
CA ILE C 28 5.64 -10.29 15.34
C ILE C 28 4.69 -9.52 14.42
N ASP C 29 3.42 -9.45 14.80
CA ASP C 29 2.38 -8.85 13.98
C ASP C 29 2.31 -7.35 14.27
N LEU C 30 2.59 -6.53 13.26
CA LEU C 30 2.50 -5.08 13.36
C LEU C 30 1.15 -4.56 12.92
N TYR C 31 0.08 -5.27 13.26
CA TYR C 31 -1.26 -4.89 12.83
C TYR C 31 -1.62 -3.48 13.29
N HIS C 32 -1.37 -3.18 14.57
CA HIS C 32 -1.68 -1.88 15.14
C HIS C 32 -0.52 -0.90 15.05
N TRP C 33 0.28 -0.98 13.98
CA TRP C 33 1.43 -0.08 13.85
C TRP C 33 0.98 1.37 13.73
N ASP C 34 -0.01 1.63 12.89
CA ASP C 34 -0.52 3.00 12.71
C ASP C 34 -1.28 3.52 13.92
N LYS C 35 -1.33 2.79 15.03
CA LYS C 35 -1.92 3.29 16.27
C LYS C 35 -0.88 3.76 17.28
N HIS C 36 0.40 3.71 16.91
CA HIS C 36 1.48 4.09 17.80
C HIS C 36 2.05 5.45 17.42
N THR C 37 2.73 6.08 18.38
CA THR C 37 3.43 7.32 18.15
C THR C 37 4.84 7.03 17.63
N GLN C 38 5.53 8.08 17.21
CA GLN C 38 6.88 7.90 16.67
C GLN C 38 7.83 7.39 17.74
N LYS C 39 7.58 7.71 19.01
CA LYS C 39 8.36 7.14 20.10
C LYS C 39 7.97 5.69 20.36
N GLU C 40 6.68 5.37 20.28
CA GLU C 40 6.24 4.00 20.47
C GLU C 40 6.75 3.10 19.35
N LYS C 41 6.75 3.59 18.12
CA LYS C 41 7.23 2.79 17.00
C LYS C 41 8.71 2.48 17.15
N GLY C 42 9.50 3.44 17.63
CA GLY C 42 10.90 3.18 17.87
C GLY C 42 11.12 2.12 18.94
N LYS C 43 10.26 2.11 19.96
CA LYS C 43 10.34 1.08 20.99
C LYS C 43 9.97 -0.29 20.43
N ILE C 44 9.01 -0.34 19.51
CA ILE C 44 8.63 -1.60 18.89
C ILE C 44 9.81 -2.19 18.12
N ALA C 45 10.37 -1.40 17.20
CA ALA C 45 11.53 -1.86 16.44
C ALA C 45 12.71 -2.18 17.36
N LEU C 46 12.86 -1.44 18.46
CA LEU C 46 13.88 -1.77 19.44
C LEU C 46 13.64 -3.16 20.02
N GLN C 47 12.39 -3.45 20.38
CA GLN C 47 12.07 -4.75 20.96
C GLN C 47 12.16 -5.87 19.92
N VAL C 48 11.77 -5.59 18.68
CA VAL C 48 11.89 -6.58 17.62
C VAL C 48 13.35 -6.88 17.34
N ASN C 49 14.22 -5.87 17.45
CA ASN C 49 15.64 -6.07 17.22
C ASN C 49 16.22 -7.04 18.25
N GLN C 50 16.03 -6.75 19.54
CA GLN C 50 16.50 -7.66 20.58
C GLN C 50 15.72 -8.96 20.60
N SER C 51 14.56 -9.02 19.94
CA SER C 51 13.85 -10.29 19.82
C SER C 51 14.60 -11.26 18.92
N TYR C 52 15.32 -10.76 17.91
CA TYR C 52 16.10 -11.65 17.05
C TYR C 52 17.40 -12.07 17.73
N GLY C 53 18.12 -11.12 18.33
CA GLY C 53 19.35 -11.45 19.02
C GLY C 53 19.16 -12.51 20.09
N LEU C 54 17.99 -12.52 20.74
CA LEU C 54 17.67 -13.57 21.69
C LEU C 54 17.34 -14.88 20.97
N LEU C 55 16.71 -14.80 19.80
CA LEU C 55 16.33 -16.02 19.09
C LEU C 55 17.53 -16.71 18.46
N ARG C 56 18.56 -15.96 18.09
CA ARG C 56 19.78 -16.57 17.56
C ARG C 56 20.47 -17.45 18.60
N ASP C 57 20.29 -17.13 19.88
CA ASP C 57 20.80 -17.96 20.99
C ASP C 57 20.06 -19.29 21.11
N TYR C 58 19.15 -19.58 20.18
CA TYR C 58 18.43 -20.85 20.18
C TYR C 58 18.40 -21.42 18.76
N PHE C 59 18.24 -20.55 17.76
CA PHE C 59 18.16 -20.98 16.37
C PHE C 59 18.83 -19.98 15.44
N THR C 60 18.05 -19.34 14.57
CA THR C 60 18.58 -18.38 13.61
C THR C 60 17.74 -17.10 13.57
N GLU C 63 14.35 -17.21 11.70
CA GLU C 63 13.08 -17.82 12.08
C GLU C 63 12.11 -16.79 12.66
N LEU C 64 12.61 -15.60 12.95
CA LEU C 64 11.78 -14.51 13.45
C LEU C 64 11.14 -13.81 12.26
N ALA C 65 9.82 -13.91 12.15
CA ALA C 65 9.07 -13.26 11.08
C ALA C 65 8.38 -12.01 11.59
N VAL C 66 8.23 -11.04 10.69
CA VAL C 66 7.55 -9.77 11.00
C VAL C 66 6.55 -9.51 9.89
N THR C 67 5.26 -9.65 10.18
CA THR C 67 4.21 -9.35 9.23
C THR C 67 3.76 -7.90 9.39
N TRP C 68 3.06 -7.40 8.37
CA TRP C 68 2.73 -5.98 8.26
C TRP C 68 3.98 -5.12 8.37
N ALA C 69 5.09 -5.62 7.83
CA ALA C 69 6.39 -4.97 7.92
C ALA C 69 6.44 -3.83 6.91
N ASN C 70 5.79 -2.72 7.28
CA ASN C 70 5.68 -1.57 6.41
C ASN C 70 7.04 -0.88 6.24
N GLU C 71 7.07 0.11 5.34
CA GLU C 71 8.30 0.84 5.07
C GLU C 71 8.78 1.61 6.30
N GLU C 72 7.85 2.16 7.07
CA GLU C 72 8.22 2.94 8.25
C GLU C 72 8.94 2.08 9.28
N PHE C 73 8.62 0.78 9.33
CA PHE C 73 9.25 -0.10 10.31
C PHE C 73 10.72 -0.32 9.99
N ARG C 74 11.02 -0.79 8.78
CA ARG C 74 12.40 -1.08 8.42
C ARG C 74 13.27 0.17 8.37
N GLU C 75 12.67 1.35 8.27
CA GLU C 75 13.45 2.58 8.44
C GLU C 75 13.89 2.76 9.87
N MET C 76 13.10 2.29 10.84
CA MET C 76 13.45 2.38 12.25
C MET C 76 14.14 1.14 12.78
N PHE C 77 13.99 0.00 12.10
CA PHE C 77 14.61 -1.25 12.54
C PHE C 77 16.09 -1.20 12.19
N HIS C 78 16.89 -0.74 13.15
CA HIS C 78 18.34 -0.64 12.96
C HIS C 78 18.98 -1.98 13.33
N GLY C 79 18.66 -2.98 12.52
CA GLY C 79 19.17 -4.33 12.72
C GLY C 79 19.39 -5.06 11.41
N PRO C 80 19.71 -6.35 11.50
CA PRO C 80 19.98 -7.12 10.28
C PRO C 80 18.72 -7.47 9.51
N LEU C 81 18.36 -6.64 8.54
CA LEU C 81 17.15 -6.89 7.74
C LEU C 81 17.26 -8.14 6.89
N ASP C 82 18.48 -8.59 6.57
CA ASP C 82 18.65 -9.77 5.74
C ASP C 82 18.50 -11.07 6.51
N ARG C 83 18.70 -11.06 7.82
CA ARG C 83 18.69 -12.27 8.63
C ARG C 83 17.34 -12.57 9.27
N ILE C 84 16.31 -11.77 8.99
CA ILE C 84 14.97 -12.02 9.50
C ILE C 84 13.98 -12.00 8.34
N THR C 85 12.86 -12.69 8.54
CA THR C 85 11.80 -12.75 7.55
C THR C 85 10.88 -11.54 7.71
N THR C 86 10.73 -10.76 6.65
CA THR C 86 9.85 -9.60 6.65
C THR C 86 8.78 -9.77 5.58
N TYR C 87 7.54 -9.45 5.95
CA TYR C 87 6.40 -9.61 5.05
C TYR C 87 5.52 -8.38 5.19
N GLY C 88 5.39 -7.61 4.11
CA GLY C 88 4.63 -6.37 4.15
C GLY C 88 3.13 -6.59 4.20
N GLY C 89 2.65 -7.76 3.79
CA GLY C 89 1.23 -8.03 3.74
C GLY C 89 0.68 -8.53 5.05
N PRO C 90 -0.58 -8.96 5.04
CA PRO C 90 -1.21 -9.44 6.28
C PRO C 90 -0.56 -10.71 6.80
N THR C 91 -0.77 -10.96 8.10
CA THR C 91 -0.26 -12.18 8.72
C THR C 91 -0.94 -13.42 8.14
N SER C 92 -2.23 -13.31 7.81
CA SER C 92 -2.95 -14.45 7.25
C SER C 92 -2.35 -14.87 5.92
N GLU C 93 -1.94 -13.91 5.10
CA GLU C 93 -1.36 -14.25 3.80
C GLU C 93 0.00 -14.93 3.97
N PHE C 94 0.82 -14.42 4.90
CA PHE C 94 2.11 -15.07 5.16
C PHE C 94 1.92 -16.50 5.63
N LEU C 95 0.96 -16.72 6.54
CA LEU C 95 0.72 -18.08 7.03
C LEU C 95 0.24 -19.00 5.91
N LYS C 96 -0.69 -18.51 5.07
CA LYS C 96 -1.19 -19.34 3.98
C LYS C 96 -0.09 -19.65 2.97
N GLU C 97 0.81 -18.69 2.73
CA GLU C 97 1.92 -18.92 1.83
C GLU C 97 2.94 -19.93 2.38
N ASN C 98 2.73 -20.43 3.61
CA ASN C 98 3.63 -21.41 4.19
C ASN C 98 2.86 -22.63 4.72
N GLY C 99 1.63 -22.82 4.27
CA GLY C 99 0.86 -24.00 4.62
C GLY C 99 0.29 -24.03 6.02
N ILE C 100 0.57 -23.02 6.84
CA ILE C 100 0.09 -22.99 8.22
C ILE C 100 -1.35 -22.49 8.24
N ASN C 101 -2.21 -23.21 8.97
CA ASN C 101 -3.60 -22.81 9.14
C ASN C 101 -4.03 -22.78 10.60
N GLU C 102 -3.17 -23.18 11.52
CA GLU C 102 -3.45 -23.13 12.95
C GLU C 102 -2.28 -22.45 13.64
N VAL C 103 -2.59 -21.45 14.47
CA VAL C 103 -1.57 -20.60 15.07
C VAL C 103 -1.86 -20.41 16.55
N VAL C 104 -0.81 -20.13 17.31
CA VAL C 104 -0.91 -19.80 18.72
C VAL C 104 -0.68 -18.30 18.87
N LEU C 105 -1.65 -17.62 19.47
CA LEU C 105 -1.60 -16.17 19.68
C LEU C 105 -1.34 -15.90 21.16
N LEU C 106 -0.22 -15.25 21.46
CA LEU C 106 0.09 -14.85 22.83
C LEU C 106 -0.80 -13.68 23.22
N ASP C 107 -1.74 -13.92 24.11
CA ASP C 107 -2.75 -12.92 24.45
C ASP C 107 -2.95 -12.86 25.96
N PRO C 108 -2.63 -11.74 26.60
CA PRO C 108 -2.88 -11.63 28.05
C PRO C 108 -4.35 -11.63 28.42
N TRP C 109 -5.26 -11.52 27.45
CA TRP C 109 -6.69 -11.57 27.69
C TRP C 109 -7.28 -12.95 27.45
N ALA C 110 -6.46 -13.93 27.06
CA ALA C 110 -6.95 -15.27 26.83
C ALA C 110 -7.40 -15.92 28.13
N GLU C 111 -8.19 -16.98 28.01
CA GLU C 111 -8.62 -17.75 29.16
C GLU C 111 -7.76 -18.97 29.43
N GLU C 112 -7.34 -19.67 28.39
CA GLU C 112 -6.46 -20.83 28.55
C GLU C 112 -5.02 -20.37 28.67
N VAL C 113 -4.27 -21.05 29.55
CA VAL C 113 -2.87 -20.74 29.80
C VAL C 113 -2.02 -21.58 28.86
N LEU C 114 -0.96 -20.96 28.33
CA LEU C 114 -0.02 -21.65 27.45
C LEU C 114 0.57 -22.86 28.14
N SER C 115 0.46 -24.03 27.50
CA SER C 115 0.97 -25.26 28.07
C SER C 115 1.80 -26.03 27.05
N GLU C 116 2.22 -27.24 27.40
CA GLU C 116 2.99 -28.06 26.48
C GLU C 116 2.16 -28.55 25.30
N LYS C 117 0.83 -28.56 25.45
CA LYS C 117 -0.05 -28.99 24.36
C LYS C 117 -0.06 -28.02 23.20
N ASP C 118 0.50 -26.82 23.36
CA ASP C 118 0.51 -25.80 22.32
C ASP C 118 1.83 -25.73 21.58
N PHE C 119 2.75 -26.65 21.84
CA PHE C 119 4.09 -26.57 21.28
C PHE C 119 4.24 -27.31 19.96
N ASP C 120 3.21 -28.02 19.50
CA ASP C 120 3.23 -28.66 18.19
C ASP C 120 2.67 -27.76 17.09
N VAL C 121 2.55 -26.46 17.35
CA VAL C 121 2.04 -25.50 16.39
C VAL C 121 3.23 -24.82 15.70
N LYS C 122 3.13 -24.68 14.37
CA LYS C 122 4.23 -24.19 13.57
C LYS C 122 4.37 -22.66 13.60
N ALA C 123 3.55 -21.95 14.36
CA ALA C 123 3.61 -20.50 14.36
C ALA C 123 3.13 -19.95 15.69
N PHE C 124 3.95 -19.08 16.29
CA PHE C 124 3.59 -18.35 17.51
C PHE C 124 3.59 -16.86 17.18
N ILE C 125 2.54 -16.16 17.61
CA ILE C 125 2.33 -14.76 17.27
C ILE C 125 2.43 -13.93 18.54
N ILE C 126 3.29 -12.92 18.50
CA ILE C 126 3.37 -11.89 19.54
C ILE C 126 3.05 -10.56 18.86
N GLY C 127 1.95 -9.94 19.27
CA GLY C 127 1.53 -8.70 18.63
C GLY C 127 2.53 -7.58 18.90
N GLY C 128 2.94 -6.89 17.84
CA GLY C 128 3.82 -5.75 17.98
C GLY C 128 3.11 -4.55 18.56
N ILE C 129 2.88 -4.57 19.86
CA ILE C 129 2.07 -3.57 20.54
C ILE C 129 2.84 -3.06 21.76
N VAL C 130 2.94 -1.75 21.89
CA VAL C 130 3.37 -1.10 23.13
C VAL C 130 2.37 0.00 23.46
N ASP C 131 2.05 0.16 24.75
CA ASP C 131 1.10 1.17 25.20
C ASP C 131 1.78 2.08 26.20
N THR C 132 1.27 3.31 26.29
CA THR C 132 1.85 4.29 27.20
C THR C 132 0.90 4.63 28.34
N LYS C 136 -4.01 2.27 24.62
CA LYS C 136 -5.14 1.50 24.12
C LYS C 136 -4.98 0.01 24.43
N LYS C 137 -5.90 -0.53 25.21
CA LYS C 137 -5.87 -1.94 25.60
C LYS C 137 -6.72 -2.75 24.63
N LYS C 138 -6.90 -4.04 24.93
CA LYS C 138 -7.72 -4.96 24.14
C LYS C 138 -7.25 -5.07 22.69
N THR C 139 -6.00 -4.71 22.41
CA THR C 139 -5.52 -4.70 21.03
C THR C 139 -5.07 -6.07 20.56
N THR C 140 -4.60 -6.93 21.48
CA THR C 140 -4.15 -8.26 21.05
C THR C 140 -5.29 -9.14 20.58
N PRO C 141 -6.43 -9.26 21.28
CA PRO C 141 -7.51 -10.12 20.78
C PRO C 141 -8.06 -9.69 19.42
N LYS C 142 -7.84 -8.43 19.02
CA LYS C 142 -8.27 -8.01 17.69
C LYS C 142 -7.50 -8.76 16.60
N ILE C 143 -6.23 -9.06 16.85
CA ILE C 143 -5.43 -9.80 15.90
C ILE C 143 -5.97 -11.22 15.73
N GLY C 144 -6.44 -11.83 16.82
CA GLY C 144 -7.01 -13.16 16.72
C GLY C 144 -8.35 -13.17 16.02
N GLU C 145 -9.17 -12.14 16.25
CA GLU C 145 -10.45 -12.06 15.57
C GLU C 145 -10.27 -11.85 14.07
N GLU C 146 -9.26 -11.07 13.68
CA GLU C 146 -9.02 -10.83 12.26
C GLU C 146 -8.43 -12.06 11.58
N LEU C 147 -7.61 -12.84 12.27
CA LEU C 147 -7.02 -14.03 11.68
C LEU C 147 -8.07 -15.11 11.45
N GLU C 148 -8.99 -15.28 12.40
CA GLU C 148 -10.05 -16.27 12.23
C GLU C 148 -11.03 -15.86 11.14
N SER C 149 -11.24 -14.55 10.96
CA SER C 149 -12.04 -14.08 9.84
C SER C 149 -11.40 -14.39 8.50
N ALA C 150 -10.09 -14.68 8.49
CA ALA C 150 -9.38 -15.07 7.29
C ALA C 150 -9.12 -16.56 7.22
N GLY C 151 -9.82 -17.35 8.03
CA GLY C 151 -9.67 -18.79 8.00
C GLY C 151 -8.37 -19.29 8.60
N ILE C 152 -8.02 -18.80 9.79
CA ILE C 152 -6.81 -19.22 10.50
C ILE C 152 -7.21 -19.64 11.90
N LYS C 153 -6.94 -20.89 12.26
CA LYS C 153 -7.22 -21.38 13.61
C LYS C 153 -6.28 -20.69 14.59
N VAL C 154 -6.85 -20.00 15.57
CA VAL C 154 -6.09 -19.18 16.50
C VAL C 154 -6.22 -19.78 17.89
N ARG C 155 -5.10 -20.21 18.47
CA ARG C 155 -5.05 -20.70 19.84
C ARG C 155 -4.63 -19.54 20.74
N ARG C 156 -5.57 -18.98 21.48
CA ARG C 156 -5.28 -17.88 22.39
C ARG C 156 -4.72 -18.44 23.69
N ARG C 157 -3.52 -18.01 24.05
CA ARG C 157 -2.84 -18.49 25.24
C ARG C 157 -2.21 -17.32 25.99
N LYS C 158 -2.38 -17.32 27.31
CA LYS C 158 -1.80 -16.28 28.16
C LYS C 158 -0.71 -16.86 29.04
N ILE C 159 0.29 -16.02 29.32
CA ILE C 159 1.40 -16.37 30.20
C ILE C 159 1.17 -15.69 31.54
N VAL C 160 1.13 -16.47 32.60
CA VAL C 160 0.79 -15.95 33.93
C VAL C 160 1.88 -16.36 34.92
N LEU C 161 2.00 -15.58 35.98
CA LEU C 161 2.86 -15.88 37.11
C LEU C 161 1.97 -16.15 38.31
N ARG C 162 1.95 -17.40 38.77
CA ARG C 162 1.11 -17.82 39.89
C ARG C 162 -0.37 -17.65 39.55
N GLY C 163 -0.73 -17.95 38.31
CA GLY C 163 -2.10 -17.82 37.85
C GLY C 163 -2.46 -16.44 37.37
N ASP C 164 -1.85 -15.40 37.92
CA ASP C 164 -2.16 -14.02 37.57
C ASP C 164 -1.10 -13.48 36.61
N VAL C 165 -1.50 -12.48 35.80
CA VAL C 165 -0.58 -11.88 34.84
C VAL C 165 0.31 -10.81 35.46
N VAL C 166 0.01 -10.37 36.68
CA VAL C 166 0.83 -9.34 37.32
C VAL C 166 2.20 -9.93 37.64
N GLY C 167 3.24 -9.32 37.10
CA GLY C 167 4.60 -9.79 37.23
C GLY C 167 5.20 -10.33 35.96
N VAL C 168 4.37 -10.62 34.96
CA VAL C 168 4.85 -11.09 33.65
C VAL C 168 5.24 -9.88 32.83
N PRO C 169 6.48 -9.81 32.34
CA PRO C 169 6.85 -8.69 31.47
C PRO C 169 6.10 -8.75 30.14
N ASP C 170 5.61 -7.60 29.70
CA ASP C 170 4.83 -7.52 28.48
C ASP C 170 5.63 -7.00 27.29
N ARG C 171 6.94 -6.80 27.44
CA ARG C 171 7.77 -6.44 26.31
C ARG C 171 7.83 -7.61 25.32
N ILE C 172 7.88 -7.26 24.03
CA ILE C 172 7.78 -8.28 22.98
C ILE C 172 8.91 -9.28 23.09
N ASN C 173 10.14 -8.80 23.30
CA ASN C 173 11.29 -9.71 23.37
C ASN C 173 11.22 -10.61 24.60
N ARG C 174 10.69 -10.10 25.71
CA ARG C 174 10.67 -10.88 26.95
C ARG C 174 9.59 -11.94 26.93
N ILE C 175 8.48 -11.70 26.22
CA ILE C 175 7.49 -12.76 26.03
C ILE C 175 8.09 -13.88 25.20
N LEU C 176 8.82 -13.53 24.14
CA LEU C 176 9.48 -14.55 23.31
C LEU C 176 10.46 -15.38 24.13
N GLY C 177 11.23 -14.72 24.99
CA GLY C 177 12.16 -15.46 25.84
C GLY C 177 11.47 -16.42 26.78
N ILE C 178 10.30 -16.05 27.28
CA ILE C 178 9.52 -16.96 28.13
C ILE C 178 9.08 -18.17 27.33
N ILE C 179 8.68 -17.97 26.07
CA ILE C 179 8.31 -19.09 25.21
C ILE C 179 9.52 -19.96 24.91
N LEU C 180 10.67 -19.33 24.65
CA LEU C 180 11.86 -20.09 24.31
C LEU C 180 12.33 -20.96 25.48
N LYS C 181 12.22 -20.43 26.71
CA LYS C 181 12.65 -21.19 27.88
C LYS C 181 11.74 -22.39 28.12
N MET C 182 10.46 -22.27 27.81
CA MET C 182 9.54 -23.38 27.98
C MET C 182 9.68 -24.41 26.85
N MET C 183 9.99 -23.97 25.64
CA MET C 183 10.11 -24.90 24.52
C MET C 183 11.50 -25.53 24.45
N VAL C 184 12.54 -24.70 24.40
CA VAL C 184 13.90 -25.19 24.24
C VAL C 184 14.44 -25.74 25.55
N GLU C 185 14.54 -24.88 26.56
CA GLU C 185 15.09 -25.30 27.84
C GLU C 185 14.14 -26.18 28.64
N GLY C 186 12.90 -26.34 28.19
CA GLY C 186 11.93 -27.16 28.90
C GLY C 186 11.56 -26.67 30.29
N LYS C 187 11.86 -25.42 30.64
CA LYS C 187 11.58 -24.91 31.96
C LYS C 187 10.07 -24.82 32.21
N SER C 188 9.71 -24.63 33.46
CA SER C 188 8.33 -24.33 33.81
C SER C 188 8.01 -22.88 33.51
N MET C 189 6.71 -22.55 33.47
CA MET C 189 6.31 -21.18 33.18
C MET C 189 6.74 -20.23 34.29
N ASP C 190 6.65 -20.68 35.55
CA ASP C 190 7.08 -19.83 36.65
C ASP C 190 8.57 -19.52 36.59
N GLU C 191 9.38 -20.51 36.22
CA GLU C 191 10.81 -20.26 36.09
C GLU C 191 11.12 -19.35 34.90
N ALA C 192 10.44 -19.57 33.78
CA ALA C 192 10.71 -18.77 32.59
C ALA C 192 10.35 -17.31 32.79
N VAL C 193 9.22 -17.03 33.46
CA VAL C 193 8.83 -15.66 33.72
C VAL C 193 9.82 -14.99 34.68
N TYR C 194 10.26 -15.73 35.70
CA TYR C 194 11.22 -15.17 36.65
C TYR C 194 12.56 -14.88 35.99
N GLU C 195 13.03 -15.78 35.12
CA GLU C 195 14.28 -15.56 34.41
C GLU C 195 14.18 -14.51 33.31
N MET C 196 13.07 -13.77 33.24
CA MET C 196 12.91 -12.70 32.28
C MET C 196 12.46 -11.38 32.91
N GLN C 197 12.24 -11.34 34.22
CA GLN C 197 11.82 -10.11 34.89
C GLN C 197 12.93 -9.08 34.91
#